data_6I5I
#
_entry.id   6I5I
#
_cell.length_a   91.960
_cell.length_b   64.010
_cell.length_c   81.160
_cell.angle_alpha   90.00
_cell.angle_beta   122.71
_cell.angle_gamma   90.00
#
_symmetry.space_group_name_H-M   'C 1 2 1'
#
loop_
_entity.id
_entity.type
_entity.pdbx_description
1 polymer 'Dual specificity protein kinase CLK1'
2 non-polymer 5-(1-methylpyrazol-4-yl)-3-[1-(phenylmethyl)pyrazol-4-yl]furo[3,2-b]pyridine
3 non-polymer 1,2-ETHANEDIOL
4 water water
#
_entity_poly.entity_id   1
_entity_poly.type   'polypeptide(L)'
_entity_poly.pdbx_seq_one_letter_code
;SMHLICQSGDVLSARYEIVDTLGEGAFGKVVECIDHKAGGRHVAVKIVKNVDRYCEAARSEIQVLEHLNTTDPNSTFRCV
QMLEWFEHHGHICIVFELLGLSTYDFIKENGFLPFRLDHIRKMAYQICKSVNFLHSNKLTHTDLKPENILFVQSDYTEAY
NPKIKRDERTLINPDIKVVDFGSATYDDEHHSTLVSTRHYRAPEVILALGWSQPCDVWSIGCILIEYYLGFTVFPTHDSK
EHLAMMERILGPLPKHMIQKTRKRKYFHHDRLDWDEHSSAGRYVSRACKPLKEFMLSQDVEHERLFDLIQKMLEYDPAKR
ITLREALKHPFFDLLKKSI
;
_entity_poly.pdbx_strand_id   A
#
loop_
_chem_comp.id
_chem_comp.type
_chem_comp.name
_chem_comp.formula
EDO non-polymer 1,2-ETHANEDIOL 'C2 H6 O2'
H3E non-polymer 5-(1-methylpyrazol-4-yl)-3-[1-(phenylmethyl)pyrazol-4-yl]furo[3,2-b]pyridine 'C21 H17 N5 O'
#
# COMPACT_ATOMS: atom_id res chain seq x y z
N SER A 1 -6.89 -28.30 -3.29
CA SER A 1 -5.99 -27.11 -3.14
C SER A 1 -6.20 -26.22 -4.30
N MET A 2 -5.89 -24.94 -4.10
CA MET A 2 -6.10 -23.98 -5.14
C MET A 2 -5.30 -24.32 -6.43
N HIS A 3 -4.10 -24.91 -6.29
CA HIS A 3 -3.30 -25.24 -7.48
CA HIS A 3 -3.25 -25.37 -7.42
C HIS A 3 -4.06 -26.16 -8.45
N LEU A 4 -5.08 -26.89 -7.99
CA LEU A 4 -5.85 -27.74 -8.88
C LEU A 4 -6.81 -26.98 -9.77
N ILE A 5 -7.02 -25.68 -9.48
CA ILE A 5 -8.08 -24.95 -10.18
C ILE A 5 -7.60 -23.63 -10.76
N CYS A 6 -6.31 -23.37 -10.71
CA CYS A 6 -5.80 -22.06 -11.14
C CYS A 6 -4.77 -22.16 -12.26
N GLN A 7 -4.78 -23.24 -13.02
CA GLN A 7 -3.76 -23.51 -14.04
C GLN A 7 -4.12 -22.85 -15.38
N SER A 8 -3.10 -22.50 -16.17
CA SER A 8 -3.33 -21.95 -17.51
C SER A 8 -4.23 -22.88 -18.29
N GLY A 9 -5.25 -22.34 -18.90
CA GLY A 9 -6.17 -23.12 -19.71
C GLY A 9 -7.41 -23.47 -18.96
N ASP A 10 -7.40 -23.38 -17.63
CA ASP A 10 -8.61 -23.67 -16.84
C ASP A 10 -9.67 -22.62 -17.17
N VAL A 11 -10.95 -23.02 -17.22
CA VAL A 11 -12.03 -22.08 -17.47
C VAL A 11 -12.87 -21.93 -16.22
N LEU A 12 -13.01 -20.69 -15.75
CA LEU A 12 -13.82 -20.37 -14.55
C LEU A 12 -15.18 -19.77 -14.95
N SER A 13 -16.23 -20.18 -14.24
CA SER A 13 -17.57 -19.60 -14.42
C SER A 13 -18.06 -19.73 -15.88
N ALA A 14 -17.58 -20.76 -16.58
CA ALA A 14 -17.89 -21.00 -18.01
C ALA A 14 -17.53 -19.87 -18.95
N ARG A 15 -16.56 -19.03 -18.56
CA ARG A 15 -16.25 -17.89 -19.40
C ARG A 15 -14.83 -17.40 -19.30
N TYR A 16 -14.23 -17.51 -18.12
CA TYR A 16 -12.91 -16.93 -17.90
C TYR A 16 -11.82 -17.94 -18.06
N GLU A 17 -10.99 -17.76 -19.11
CA GLU A 17 -9.92 -18.71 -19.34
C GLU A 17 -8.60 -18.18 -18.81
N ILE A 18 -7.99 -18.93 -17.88
CA ILE A 18 -6.73 -18.51 -17.27
C ILE A 18 -5.63 -18.53 -18.30
N VAL A 19 -4.90 -17.42 -18.39
CA VAL A 19 -3.74 -17.35 -19.28
C VAL A 19 -2.41 -17.11 -18.53
N ASP A 20 -2.45 -16.63 -17.30
CA ASP A 20 -1.23 -16.39 -16.54
C ASP A 20 -1.55 -16.16 -15.08
N THR A 21 -0.57 -16.42 -14.20
CA THR A 21 -0.65 -16.01 -12.82
C THR A 21 0.07 -14.69 -12.66
N LEU A 22 -0.60 -13.72 -12.08
CA LEU A 22 -0.02 -12.38 -11.87
C LEU A 22 0.71 -12.27 -10.56
N GLY A 23 0.24 -12.96 -9.56
CA GLY A 23 1.01 -13.11 -8.32
C GLY A 23 0.17 -13.72 -7.25
N GLU A 24 0.83 -13.95 -6.12
CA GLU A 24 0.19 -14.49 -4.94
C GLU A 24 0.36 -13.58 -3.77
N GLY A 25 -0.56 -13.72 -2.82
CA GLY A 25 -0.42 -13.09 -1.49
C GLY A 25 -0.97 -14.04 -0.45
N ALA A 26 -1.05 -13.61 0.81
CA ALA A 26 -1.54 -14.51 1.86
C ALA A 26 -2.98 -15.04 1.53
N PHE A 27 -3.73 -14.19 0.86
CA PHE A 27 -5.12 -14.41 0.49
C PHE A 27 -5.41 -15.45 -0.59
N GLY A 28 -4.41 -15.87 -1.34
CA GLY A 28 -4.63 -16.66 -2.57
C GLY A 28 -3.82 -16.17 -3.74
N LYS A 29 -4.44 -16.08 -4.92
CA LYS A 29 -3.69 -15.65 -6.11
C LYS A 29 -4.54 -14.79 -7.03
N VAL A 30 -3.87 -13.98 -7.85
CA VAL A 30 -4.56 -13.28 -8.88
C VAL A 30 -4.05 -13.86 -10.20
N VAL A 31 -4.97 -14.15 -11.08
CA VAL A 31 -4.71 -14.66 -12.43
C VAL A 31 -5.27 -13.75 -13.50
N GLU A 32 -4.64 -13.75 -14.65
CA GLU A 32 -5.12 -13.00 -15.78
C GLU A 32 -5.94 -14.00 -16.62
N CYS A 33 -7.11 -13.55 -17.06
CA CYS A 33 -8.01 -14.40 -17.84
C CYS A 33 -8.50 -13.73 -19.09
N ILE A 34 -8.84 -14.54 -20.08
CA ILE A 34 -9.62 -14.05 -21.21
C ILE A 34 -11.10 -14.28 -20.91
N ASP A 35 -11.89 -13.24 -21.06
CA ASP A 35 -13.34 -13.36 -20.84
C ASP A 35 -14.01 -13.62 -22.16
N HIS A 36 -14.33 -14.88 -22.40
CA HIS A 36 -14.95 -15.28 -23.67
C HIS A 36 -16.37 -14.76 -23.86
N LYS A 37 -17.01 -14.28 -22.80
CA LYS A 37 -18.35 -13.67 -22.92
C LYS A 37 -18.32 -12.17 -22.97
N ALA A 38 -17.15 -11.56 -23.03
CA ALA A 38 -17.01 -10.13 -23.24
C ALA A 38 -16.03 -9.88 -24.37
N GLY A 39 -16.19 -10.68 -25.43
CA GLY A 39 -15.48 -10.39 -26.68
C GLY A 39 -13.99 -10.62 -26.58
N GLY A 40 -13.58 -11.38 -25.57
CA GLY A 40 -12.18 -11.73 -25.43
C GLY A 40 -11.42 -10.76 -24.59
N ARG A 41 -12.12 -9.84 -23.91
CA ARG A 41 -11.44 -8.91 -23.01
C ARG A 41 -10.62 -9.64 -21.96
N HIS A 42 -9.39 -9.18 -21.70
CA HIS A 42 -8.62 -9.71 -20.56
C HIS A 42 -9.06 -9.03 -19.26
N VAL A 43 -9.19 -9.83 -18.24
CA VAL A 43 -9.55 -9.39 -16.88
C VAL A 43 -8.60 -9.99 -15.86
N ALA A 44 -8.65 -9.51 -14.62
CA ALA A 44 -7.94 -10.13 -13.53
C ALA A 44 -8.93 -10.84 -12.66
N VAL A 45 -8.60 -12.05 -12.20
CA VAL A 45 -9.47 -12.75 -11.28
C VAL A 45 -8.69 -13.11 -10.03
N LYS A 46 -9.20 -12.63 -8.89
CA LYS A 46 -8.61 -12.95 -7.58
C LYS A 46 -9.31 -14.18 -7.05
N ILE A 47 -8.50 -15.25 -6.90
CA ILE A 47 -8.94 -16.54 -6.40
C ILE A 47 -8.57 -16.61 -4.92
N VAL A 48 -9.59 -16.62 -4.06
CA VAL A 48 -9.41 -16.51 -2.64
C VAL A 48 -9.28 -17.86 -1.98
N LYS A 49 -8.30 -17.97 -1.10
CA LYS A 49 -8.15 -19.25 -0.34
C LYS A 49 -9.43 -19.62 0.37
N ASN A 50 -9.72 -20.91 0.41
CA ASN A 50 -10.91 -21.43 1.08
C ASN A 50 -10.60 -21.59 2.56
N VAL A 51 -10.40 -20.44 3.23
CA VAL A 51 -10.07 -20.35 4.67
C VAL A 51 -10.94 -19.24 5.23
N ASP A 52 -11.51 -19.43 6.43
CA ASP A 52 -12.53 -18.48 6.93
C ASP A 52 -12.05 -17.01 6.91
N ARG A 53 -10.84 -16.73 7.40
CA ARG A 53 -10.31 -15.36 7.51
C ARG A 53 -10.36 -14.66 6.15
N TYR A 54 -9.93 -15.39 5.12
CA TYR A 54 -9.86 -14.86 3.77
C TYR A 54 -11.18 -14.84 3.09
N CYS A 55 -11.99 -15.88 3.28
CA CYS A 55 -13.37 -15.81 2.78
C CYS A 55 -14.11 -14.61 3.37
N GLU A 56 -13.95 -14.38 4.67
CA GLU A 56 -14.63 -13.25 5.31
C GLU A 56 -14.16 -11.92 4.73
N ALA A 57 -12.86 -11.78 4.57
CA ALA A 57 -12.32 -10.56 3.96
C ALA A 57 -12.85 -10.36 2.55
N ALA A 58 -12.93 -11.45 1.77
CA ALA A 58 -13.39 -11.33 0.37
C ALA A 58 -14.84 -10.87 0.33
N ARG A 59 -15.67 -11.41 1.23
CA ARG A 59 -17.04 -10.98 1.26
C ARG A 59 -17.15 -9.52 1.65
N SER A 60 -16.33 -9.10 2.59
CA SER A 60 -16.30 -7.71 2.96
C SER A 60 -15.85 -6.86 1.81
N GLU A 61 -14.79 -7.27 1.15
CA GLU A 61 -14.27 -6.51 0.03
C GLU A 61 -15.32 -6.31 -1.05
N ILE A 62 -16.10 -7.37 -1.35
CA ILE A 62 -17.14 -7.29 -2.39
C ILE A 62 -18.13 -6.15 -2.03
N GLN A 63 -18.51 -6.07 -0.77
CA GLN A 63 -19.46 -5.03 -0.33
C GLN A 63 -18.83 -3.65 -0.42
N VAL A 64 -17.56 -3.53 -0.07
CA VAL A 64 -16.86 -2.22 -0.13
C VAL A 64 -16.71 -1.78 -1.58
N LEU A 65 -16.34 -2.70 -2.46
CA LEU A 65 -16.18 -2.34 -3.88
C LEU A 65 -17.51 -1.97 -4.52
N GLU A 66 -18.58 -2.72 -4.22
CA GLU A 66 -19.90 -2.33 -4.70
C GLU A 66 -20.22 -0.88 -4.35
N HIS A 67 -19.94 -0.50 -3.13
CA HIS A 67 -20.17 0.85 -2.64
C HIS A 67 -19.26 1.84 -3.41
N LEU A 68 -17.98 1.55 -3.45
CA LEU A 68 -17.02 2.51 -4.06
C LEU A 68 -17.26 2.64 -5.54
N ASN A 69 -17.47 1.52 -6.20
CA ASN A 69 -17.67 1.54 -7.64
C ASN A 69 -18.98 2.23 -8.05
N THR A 70 -20.04 2.11 -7.25
CA THR A 70 -21.30 2.78 -7.52
CA THR A 70 -21.26 2.78 -7.61
C THR A 70 -21.19 4.26 -7.27
N THR A 71 -20.47 4.61 -6.21
CA THR A 71 -20.30 6.03 -5.85
C THR A 71 -19.46 6.74 -6.90
N ASP A 72 -18.41 6.05 -7.41
CA ASP A 72 -17.48 6.66 -8.35
C ASP A 72 -17.44 5.78 -9.62
N PRO A 73 -18.49 5.83 -10.48
CA PRO A 73 -18.58 4.92 -11.59
C PRO A 73 -17.54 5.12 -12.68
N ASN A 74 -16.96 6.30 -12.74
CA ASN A 74 -15.89 6.59 -13.70
C ASN A 74 -14.51 6.21 -13.17
N SER A 75 -14.41 5.81 -11.91
CA SER A 75 -13.08 5.54 -11.27
C SER A 75 -12.20 6.77 -11.31
N THR A 76 -12.83 7.92 -11.16
CA THR A 76 -12.14 9.21 -11.02
C THR A 76 -11.16 9.18 -9.84
N PHE A 77 -11.53 8.51 -8.80
CA PHE A 77 -10.67 8.34 -7.65
C PHE A 77 -9.89 7.03 -7.59
N ARG A 78 -9.80 6.32 -8.71
CA ARG A 78 -8.72 5.33 -8.92
C ARG A 78 -8.78 4.11 -7.99
N CYS A 79 -9.95 3.76 -7.52
CA CYS A 79 -10.11 2.47 -6.88
C CYS A 79 -10.42 1.47 -8.01
N VAL A 80 -9.78 0.32 -7.95
CA VAL A 80 -10.02 -0.73 -8.97
C VAL A 80 -11.52 -1.07 -9.14
N GLN A 81 -11.93 -1.28 -10.37
CA GLN A 81 -13.30 -1.67 -10.73
CA GLN A 81 -13.30 -1.69 -10.67
C GLN A 81 -13.50 -3.19 -10.60
N MET A 82 -14.44 -3.59 -9.77
CA MET A 82 -14.89 -5.01 -9.71
C MET A 82 -15.95 -5.21 -10.76
N LEU A 83 -15.83 -6.27 -11.55
CA LEU A 83 -16.78 -6.59 -12.63
C LEU A 83 -17.88 -7.56 -12.21
N GLU A 84 -17.52 -8.54 -11.40
CA GLU A 84 -18.49 -9.44 -10.75
C GLU A 84 -17.72 -10.37 -9.85
N TRP A 85 -18.42 -11.27 -9.21
CA TRP A 85 -17.78 -12.29 -8.44
C TRP A 85 -18.59 -13.59 -8.55
N PHE A 86 -17.94 -14.69 -8.21
CA PHE A 86 -18.58 -16.00 -8.27
C PHE A 86 -17.84 -16.96 -7.36
N GLU A 87 -18.39 -18.17 -7.25
CA GLU A 87 -17.76 -19.26 -6.52
C GLU A 87 -17.33 -20.38 -7.45
N HIS A 88 -16.13 -20.90 -7.20
CA HIS A 88 -15.49 -21.91 -8.06
C HIS A 88 -14.85 -22.95 -7.16
N HIS A 89 -15.44 -24.17 -7.16
CA HIS A 89 -14.91 -25.23 -6.33
C HIS A 89 -14.68 -24.79 -4.88
N GLY A 90 -15.64 -24.02 -4.37
CA GLY A 90 -15.61 -23.52 -3.04
C GLY A 90 -14.80 -22.30 -2.73
N HIS A 91 -14.16 -21.73 -3.76
CA HIS A 91 -13.32 -20.55 -3.65
C HIS A 91 -14.12 -19.35 -4.15
N ILE A 92 -14.07 -18.27 -3.40
CA ILE A 92 -14.62 -17.02 -3.88
C ILE A 92 -13.65 -16.51 -4.94
N CYS A 93 -14.19 -16.08 -6.08
CA CYS A 93 -13.41 -15.46 -7.14
C CYS A 93 -13.98 -14.09 -7.43
N ILE A 94 -13.14 -13.06 -7.43
CA ILE A 94 -13.59 -11.73 -7.74
C ILE A 94 -12.94 -11.27 -9.03
N VAL A 95 -13.75 -10.80 -9.99
CA VAL A 95 -13.26 -10.43 -11.30
C VAL A 95 -13.10 -8.91 -11.29
N PHE A 96 -11.94 -8.46 -11.76
CA PHE A 96 -11.62 -7.03 -11.85
C PHE A 96 -11.22 -6.64 -13.25
N GLU A 97 -11.33 -5.35 -13.56
CA GLU A 97 -10.57 -4.81 -14.65
C GLU A 97 -9.05 -5.20 -14.57
N LEU A 98 -8.45 -5.47 -15.71
CA LEU A 98 -7.05 -5.83 -15.75
C LEU A 98 -6.17 -4.61 -15.65
N LEU A 99 -5.45 -4.49 -14.56
CA LEU A 99 -4.42 -3.45 -14.35
C LEU A 99 -3.05 -4.00 -14.71
N GLY A 100 -2.00 -3.18 -14.57
CA GLY A 100 -0.64 -3.59 -14.82
C GLY A 100 0.03 -4.16 -13.57
N LEU A 101 1.34 -4.05 -13.50
CA LEU A 101 2.14 -4.56 -12.40
C LEU A 101 1.90 -3.81 -11.10
N SER A 102 2.08 -4.49 -9.98
CA SER A 102 2.10 -3.77 -8.70
C SER A 102 3.39 -2.94 -8.64
N THR A 103 3.34 -1.85 -7.89
CA THR A 103 4.51 -1.03 -7.74
C THR A 103 5.60 -1.80 -7.02
N TYR A 104 5.23 -2.70 -6.11
CA TYR A 104 6.18 -3.62 -5.48
C TYR A 104 6.92 -4.47 -6.50
N ASP A 105 6.19 -5.16 -7.36
CA ASP A 105 6.83 -6.07 -8.31
C ASP A 105 7.70 -5.30 -9.30
N PHE A 106 7.28 -4.08 -9.66
CA PHE A 106 8.01 -3.28 -10.60
C PHE A 106 9.38 -2.93 -9.99
N ILE A 107 9.38 -2.42 -8.76
CA ILE A 107 10.66 -2.08 -8.12
C ILE A 107 11.52 -3.31 -7.79
N LYS A 108 10.90 -4.38 -7.34
CA LYS A 108 11.59 -5.62 -7.03
C LYS A 108 12.28 -6.20 -8.27
N GLU A 109 11.53 -6.25 -9.37
CA GLU A 109 12.02 -6.86 -10.62
C GLU A 109 13.10 -6.00 -11.28
N ASN A 110 13.19 -4.76 -10.86
CA ASN A 110 14.30 -3.88 -11.19
C ASN A 110 15.46 -3.86 -10.20
N GLY A 111 15.59 -4.89 -9.37
CA GLY A 111 16.64 -4.97 -8.35
C GLY A 111 16.55 -3.91 -7.31
N PHE A 112 15.32 -3.42 -7.05
CA PHE A 112 15.10 -2.39 -6.06
C PHE A 112 15.69 -1.01 -6.34
N LEU A 113 15.91 -0.71 -7.62
CA LEU A 113 16.20 0.65 -8.04
C LEU A 113 14.98 1.51 -7.74
N PRO A 114 15.16 2.63 -7.07
CA PRO A 114 14.07 3.58 -6.76
C PRO A 114 13.41 4.14 -7.97
N PHE A 115 12.15 4.56 -7.78
CA PHE A 115 11.45 5.31 -8.78
C PHE A 115 12.07 6.70 -8.89
N ARG A 116 12.01 7.23 -10.10
CA ARG A 116 12.30 8.64 -10.36
C ARG A 116 11.39 9.57 -9.55
N LEU A 117 11.96 10.66 -9.07
CA LEU A 117 11.18 11.61 -8.29
C LEU A 117 9.98 12.17 -9.01
N ASP A 118 10.09 12.40 -10.31
CA ASP A 118 8.91 12.90 -11.06
C ASP A 118 7.77 11.85 -11.06
N HIS A 119 8.15 10.58 -11.11
CA HIS A 119 7.14 9.52 -11.08
C HIS A 119 6.56 9.41 -9.68
N ILE A 120 7.43 9.48 -8.66
CA ILE A 120 6.95 9.49 -7.26
C ILE A 120 5.94 10.58 -7.03
N ARG A 121 6.19 11.80 -7.55
CA ARG A 121 5.27 12.88 -7.36
C ARG A 121 3.88 12.56 -7.93
N LYS A 122 3.85 12.04 -9.15
CA LYS A 122 2.58 11.68 -9.80
C LYS A 122 1.89 10.54 -9.05
N MET A 123 2.65 9.55 -8.69
CA MET A 123 2.08 8.39 -7.96
C MET A 123 1.53 8.82 -6.60
N ALA A 124 2.30 9.60 -5.86
CA ALA A 124 1.89 10.04 -4.54
C ALA A 124 0.59 10.85 -4.60
N TYR A 125 0.47 11.69 -5.60
CA TYR A 125 -0.68 12.53 -5.73
C TYR A 125 -1.93 11.66 -5.95
N GLN A 126 -1.80 10.68 -6.83
CA GLN A 126 -2.90 9.78 -7.14
C GLN A 126 -3.26 8.89 -5.97
N ILE A 127 -2.26 8.37 -5.24
CA ILE A 127 -2.53 7.59 -4.04
C ILE A 127 -3.31 8.42 -3.00
N CYS A 128 -2.83 9.64 -2.76
CA CYS A 128 -3.54 10.57 -1.84
C CYS A 128 -4.96 10.86 -2.29
N LYS A 129 -5.17 11.07 -3.58
CA LYS A 129 -6.50 11.34 -4.14
CA LYS A 129 -6.50 11.37 -4.04
C LYS A 129 -7.43 10.16 -3.91
N SER A 130 -6.93 8.97 -4.23
CA SER A 130 -7.69 7.76 -4.14
C SER A 130 -8.11 7.47 -2.69
N VAL A 131 -7.09 7.42 -1.82
CA VAL A 131 -7.35 7.08 -0.44
C VAL A 131 -8.18 8.18 0.26
N ASN A 132 -8.03 9.43 -0.12
CA ASN A 132 -8.89 10.49 0.40
C ASN A 132 -10.34 10.25 0.06
N PHE A 133 -10.60 9.71 -1.11
CA PHE A 133 -11.96 9.30 -1.47
C PHE A 133 -12.53 8.28 -0.47
N LEU A 134 -11.74 7.30 -0.06
CA LEU A 134 -12.16 6.37 0.97
C LEU A 134 -12.48 7.14 2.22
N HIS A 135 -11.57 8.02 2.58
CA HIS A 135 -11.70 8.78 3.86
C HIS A 135 -12.93 9.68 3.81
N SER A 136 -13.30 10.17 2.65
CA SER A 136 -14.54 10.95 2.47
C SER A 136 -15.79 10.12 2.59
N ASN A 137 -15.66 8.81 2.58
CA ASN A 137 -16.77 7.92 2.59
C ASN A 137 -16.75 6.99 3.82
N LYS A 138 -16.19 7.52 4.91
CA LYS A 138 -16.15 6.88 6.22
C LYS A 138 -15.48 5.52 6.19
N LEU A 139 -14.46 5.41 5.36
CA LEU A 139 -13.69 4.22 5.26
C LEU A 139 -12.21 4.51 5.54
N THR A 140 -11.56 3.47 6.04
CA THR A 140 -10.09 3.45 6.23
C THR A 140 -9.62 2.16 5.53
N HIS A 141 -8.53 2.22 4.78
CA HIS A 141 -8.08 1.05 3.99
C HIS A 141 -7.47 0.03 4.89
N THR A 142 -6.50 0.49 5.67
CA THR A 142 -5.75 -0.20 6.72
C THR A 142 -4.61 -1.05 6.24
N ASP A 143 -4.53 -1.35 4.94
CA ASP A 143 -3.45 -2.25 4.45
C ASP A 143 -2.80 -1.70 3.23
N LEU A 144 -2.48 -0.41 3.30
CA LEU A 144 -1.80 0.23 2.19
C LEU A 144 -0.30 -0.17 2.20
N LYS A 145 0.20 -0.55 1.05
CA LYS A 145 1.60 -1.03 0.90
C LYS A 145 1.83 -1.10 -0.60
N PRO A 146 3.11 -1.14 -1.03
CA PRO A 146 3.34 -1.08 -2.48
C PRO A 146 2.70 -2.19 -3.30
N GLU A 147 2.45 -3.37 -2.71
CA GLU A 147 1.82 -4.44 -3.41
C GLU A 147 0.36 -4.10 -3.77
N ASN A 148 -0.26 -3.22 -3.02
CA ASN A 148 -1.67 -2.85 -3.24
C ASN A 148 -1.84 -1.58 -4.03
N ILE A 149 -0.76 -1.07 -4.58
CA ILE A 149 -0.80 0.05 -5.50
C ILE A 149 -0.34 -0.50 -6.82
N LEU A 150 -1.23 -0.51 -7.82
CA LEU A 150 -0.92 -1.11 -9.10
C LEU A 150 -0.85 -0.06 -10.19
N PHE A 151 0.04 -0.25 -11.14
CA PHE A 151 -0.01 0.60 -12.34
C PHE A 151 -1.24 0.29 -13.17
N VAL A 152 -1.85 1.31 -13.74
CA VAL A 152 -3.06 1.16 -14.53
C VAL A 152 -2.79 0.35 -15.77
N GLN A 153 -1.74 0.71 -16.45
CA GLN A 153 -1.39 0.17 -17.75
C GLN A 153 -0.06 -0.44 -17.60
N SER A 154 0.31 -1.21 -18.61
CA SER A 154 1.64 -1.75 -18.77
C SER A 154 2.46 -0.77 -19.60
N ASP A 155 2.58 0.48 -19.12
CA ASP A 155 3.19 1.53 -19.92
C ASP A 155 4.64 1.73 -19.48
N TYR A 156 5.44 0.76 -19.86
CA TYR A 156 6.86 0.75 -19.62
C TYR A 156 7.54 0.14 -20.82
N THR A 157 8.84 0.39 -20.94
CA THR A 157 9.65 -0.31 -21.92
C THR A 157 10.53 -1.30 -21.16
N GLU A 158 10.85 -2.42 -21.80
CA GLU A 158 11.79 -3.36 -21.21
C GLU A 158 12.91 -3.75 -22.19
N ALA A 159 14.05 -4.13 -21.61
CA ALA A 159 15.24 -4.50 -22.38
C ALA A 159 16.20 -5.26 -21.44
N TYR A 160 17.11 -6.06 -22.03
CA TYR A 160 18.19 -6.74 -21.29
C TYR A 160 19.37 -5.78 -21.09
N ASN A 161 19.43 -5.14 -19.91
CA ASN A 161 20.48 -4.14 -19.60
C ASN A 161 21.88 -4.76 -19.65
N PRO A 162 22.79 -4.24 -20.52
CA PRO A 162 24.15 -4.81 -20.57
C PRO A 162 24.89 -4.79 -19.22
N LYS A 163 24.82 -3.65 -18.51
CA LYS A 163 25.48 -3.46 -17.20
C LYS A 163 25.15 -4.60 -16.20
N ILE A 164 23.90 -4.68 -15.76
CA ILE A 164 23.47 -5.72 -14.80
C ILE A 164 23.42 -7.14 -15.42
N LYS A 165 23.18 -7.23 -16.72
CA LYS A 165 22.96 -8.52 -17.42
C LYS A 165 21.57 -9.15 -17.16
N ARG A 166 20.74 -8.54 -16.29
CA ARG A 166 19.31 -8.87 -16.15
C ARG A 166 18.48 -7.87 -16.97
N ASP A 167 17.17 -8.17 -17.14
CA ASP A 167 16.23 -7.23 -17.79
C ASP A 167 15.81 -6.10 -16.82
N GLU A 168 15.72 -4.87 -17.33
CA GLU A 168 15.24 -3.69 -16.59
C GLU A 168 13.93 -3.21 -17.24
N ARG A 169 12.90 -2.86 -16.44
CA ARG A 169 11.74 -2.10 -16.96
C ARG A 169 11.91 -0.58 -16.69
N THR A 170 11.54 0.28 -17.66
CA THR A 170 11.61 1.76 -17.48
C THR A 170 10.22 2.33 -17.68
N LEU A 171 9.69 3.07 -16.69
CA LEU A 171 8.32 3.57 -16.74
C LEU A 171 8.15 4.64 -17.72
N ILE A 172 7.06 4.60 -18.47
CA ILE A 172 6.66 5.68 -19.38
C ILE A 172 5.59 6.54 -18.74
N ASN A 173 4.49 5.94 -18.30
CA ASN A 173 3.50 6.69 -17.46
C ASN A 173 3.27 5.94 -16.17
N PRO A 174 3.21 6.68 -15.07
CA PRO A 174 3.21 6.09 -13.75
C PRO A 174 1.82 6.02 -13.12
N ASP A 175 0.76 6.11 -13.89
CA ASP A 175 -0.61 6.17 -13.28
C ASP A 175 -0.93 4.89 -12.53
N ILE A 176 -1.62 5.06 -11.40
CA ILE A 176 -1.94 3.95 -10.49
C ILE A 176 -3.40 3.81 -10.19
N LYS A 177 -3.74 2.67 -9.59
CA LYS A 177 -4.99 2.48 -8.88
C LYS A 177 -4.67 1.78 -7.57
N VAL A 178 -5.61 1.88 -6.64
CA VAL A 178 -5.54 1.22 -5.30
C VAL A 178 -6.37 -0.03 -5.37
N VAL A 179 -5.84 -1.13 -4.80
CA VAL A 179 -6.53 -2.38 -4.72
C VAL A 179 -6.54 -2.89 -3.24
N ASP A 180 -7.30 -3.96 -3.08
CA ASP A 180 -7.47 -4.77 -1.88
C ASP A 180 -8.25 -4.08 -0.81
N PHE A 181 -9.58 -4.22 -0.87
CA PHE A 181 -10.46 -3.62 0.12
C PHE A 181 -10.95 -4.62 1.15
N GLY A 182 -10.23 -5.74 1.27
CA GLY A 182 -10.61 -6.80 2.17
C GLY A 182 -10.38 -6.52 3.65
N SER A 183 -9.54 -5.50 3.96
CA SER A 183 -9.36 -5.03 5.32
C SER A 183 -10.06 -3.69 5.61
N ALA A 184 -10.62 -3.06 4.59
CA ALA A 184 -11.19 -1.73 4.70
C ALA A 184 -12.37 -1.74 5.71
N THR A 185 -12.44 -0.72 6.55
CA THR A 185 -13.30 -0.72 7.71
C THR A 185 -14.07 0.59 7.76
N TYR A 186 -15.37 0.50 7.94
CA TYR A 186 -16.21 1.69 8.04
C TYR A 186 -16.08 2.28 9.43
N ASP A 187 -16.30 3.59 9.55
CA ASP A 187 -16.19 4.27 10.82
C ASP A 187 -17.00 3.56 11.93
N ASP A 188 -18.21 3.10 11.59
CA ASP A 188 -19.10 2.59 12.61
C ASP A 188 -18.96 1.07 12.85
N GLU A 189 -17.97 0.44 12.23
CA GLU A 189 -17.74 -1.00 12.33
C GLU A 189 -16.72 -1.31 13.36
N HIS A 190 -16.76 -2.58 13.79
CA HIS A 190 -15.70 -3.13 14.60
C HIS A 190 -14.32 -2.93 13.95
N HIS A 191 -13.44 -2.31 14.71
CA HIS A 191 -12.05 -2.09 14.32
C HIS A 191 -11.16 -3.20 14.88
N SER A 192 -10.57 -4.01 14.00
CA SER A 192 -9.56 -4.98 14.44
C SER A 192 -8.45 -4.36 15.25
N THR A 193 -8.04 -5.08 16.29
CA THR A 193 -6.90 -4.70 17.08
C THR A 193 -5.65 -4.49 16.22
N LEU A 194 -5.35 -5.48 15.39
CA LEU A 194 -4.10 -5.44 14.57
C LEU A 194 -4.51 -5.19 13.13
N VAL A 195 -4.01 -4.09 12.56
CA VAL A 195 -4.17 -3.85 11.13
C VAL A 195 -2.82 -3.44 10.56
N SER A 196 -2.75 -3.51 9.22
CA SER A 196 -1.59 -3.10 8.44
C SER A 196 -0.52 -4.18 8.45
N THR A 197 0.26 -4.17 7.38
CA THR A 197 1.45 -4.95 7.25
C THR A 197 2.55 -4.24 8.03
N ARG A 198 3.34 -4.99 8.81
CA ARG A 198 4.14 -4.37 9.86
C ARG A 198 4.90 -3.14 9.44
N HIS A 199 5.58 -3.20 8.31
CA HIS A 199 6.44 -2.10 7.95
C HIS A 199 5.68 -0.81 7.68
N TYR A 200 4.34 -0.92 7.58
CA TYR A 200 3.50 0.26 7.20
C TYR A 200 2.59 0.63 8.35
N ARG A 201 2.73 -0.01 9.52
CA ARG A 201 1.82 0.10 10.61
C ARG A 201 2.07 1.35 11.46
N ALA A 202 1.03 2.13 11.68
CA ALA A 202 1.14 3.38 12.47
C ALA A 202 1.35 3.15 13.96
N PRO A 203 1.94 4.13 14.66
CA PRO A 203 2.25 3.92 16.10
C PRO A 203 1.01 3.75 16.94
N GLU A 204 -0.10 4.37 16.57
CA GLU A 204 -1.37 4.20 17.35
C GLU A 204 -1.91 2.77 17.21
N VAL A 205 -1.54 2.10 16.12
CA VAL A 205 -1.93 0.72 15.92
C VAL A 205 -1.07 -0.15 16.80
N ILE A 206 0.23 0.09 16.76
CA ILE A 206 1.19 -0.70 17.57
C ILE A 206 0.87 -0.59 19.05
N LEU A 207 0.50 0.63 19.48
CA LEU A 207 0.19 0.93 20.87
C LEU A 207 -1.25 0.70 21.31
N ALA A 208 -2.07 0.13 20.43
CA ALA A 208 -3.49 -0.18 20.65
C ALA A 208 -4.24 0.99 21.23
N LEU A 209 -4.03 2.15 20.61
CA LEU A 209 -4.63 3.41 21.07
C LEU A 209 -5.95 3.75 20.38
N GLY A 210 -6.39 2.92 19.40
CA GLY A 210 -7.49 3.26 18.57
C GLY A 210 -6.90 3.82 17.27
N TRP A 211 -7.54 3.48 16.18
CA TRP A 211 -7.07 3.95 14.86
C TRP A 211 -8.27 4.35 14.06
N SER A 212 -8.00 5.16 13.01
CA SER A 212 -9.01 5.54 12.06
C SER A 212 -8.26 6.01 10.84
N GLN A 213 -8.83 6.93 10.07
CA GLN A 213 -8.22 7.30 8.78
C GLN A 213 -6.75 7.68 8.86
N PRO A 214 -6.32 8.38 9.91
CA PRO A 214 -4.88 8.72 9.95
C PRO A 214 -3.87 7.59 9.85
N CYS A 215 -4.23 6.36 10.24
CA CYS A 215 -3.29 5.27 10.12
C CYS A 215 -2.93 5.01 8.64
N ASP A 216 -3.87 5.28 7.73
CA ASP A 216 -3.58 5.19 6.27
C ASP A 216 -2.54 6.21 5.84
N VAL A 217 -2.63 7.40 6.43
CA VAL A 217 -1.65 8.46 6.07
C VAL A 217 -0.24 8.04 6.44
N TRP A 218 -0.11 7.46 7.63
CA TRP A 218 1.19 6.92 8.10
C TRP A 218 1.72 5.88 7.08
N SER A 219 0.85 4.95 6.67
CA SER A 219 1.24 3.93 5.71
C SER A 219 1.70 4.53 4.39
N ILE A 220 0.98 5.55 3.93
CA ILE A 220 1.40 6.24 2.69
C ILE A 220 2.77 6.89 2.86
N GLY A 221 3.03 7.53 3.98
CA GLY A 221 4.38 8.08 4.16
C GLY A 221 5.45 7.01 4.08
N CYS A 222 5.16 5.83 4.63
CA CYS A 222 6.14 4.72 4.55
C CYS A 222 6.35 4.23 3.13
N ILE A 223 5.25 4.18 2.36
CA ILE A 223 5.31 3.82 0.96
C ILE A 223 6.16 4.78 0.18
N LEU A 224 5.99 6.08 0.42
CA LEU A 224 6.72 7.07 -0.35
C LEU A 224 8.23 6.99 -0.09
N ILE A 225 8.59 6.79 1.19
CA ILE A 225 10.00 6.53 1.50
C ILE A 225 10.55 5.36 0.75
N GLU A 226 9.79 4.28 0.70
CA GLU A 226 10.23 3.07 -0.01
C GLU A 226 10.39 3.29 -1.48
N TYR A 227 9.48 4.06 -2.10
CA TYR A 227 9.63 4.39 -3.48
C TYR A 227 10.91 5.20 -3.77
N TYR A 228 11.25 6.06 -2.84
CA TYR A 228 12.37 6.96 -2.97
C TYR A 228 13.71 6.27 -2.72
N LEU A 229 13.73 5.32 -1.81
CA LEU A 229 14.98 4.65 -1.46
C LEU A 229 15.16 3.28 -2.04
N GLY A 230 14.05 2.60 -2.32
CA GLY A 230 14.12 1.26 -2.77
C GLY A 230 14.09 0.26 -1.62
N PHE A 231 13.96 0.74 -0.38
CA PHE A 231 13.90 -0.11 0.82
C PHE A 231 13.18 0.59 1.94
N THR A 232 12.75 -0.20 2.91
CA THR A 232 12.13 0.35 4.12
C THR A 232 13.12 0.92 5.10
N VAL A 233 12.71 1.99 5.81
CA VAL A 233 13.51 2.54 6.89
C VAL A 233 13.15 1.83 8.19
N PHE A 234 12.15 0.95 8.15
CA PHE A 234 11.79 0.11 9.34
C PHE A 234 12.02 -1.42 9.08
N PRO A 235 13.27 -1.85 8.87
CA PRO A 235 13.62 -3.25 8.60
C PRO A 235 13.61 -4.14 9.87
N THR A 236 12.41 -4.47 10.28
CA THR A 236 12.19 -5.21 11.53
C THR A 236 10.94 -6.04 11.46
N HIS A 237 10.87 -7.06 12.34
CA HIS A 237 9.68 -7.92 12.48
C HIS A 237 9.28 -7.99 13.96
N ASP A 238 9.57 -6.94 14.71
CA ASP A 238 9.34 -6.92 16.15
C ASP A 238 8.82 -5.55 16.54
N SER A 239 7.75 -5.50 17.32
CA SER A 239 7.09 -4.22 17.67
C SER A 239 7.95 -3.26 18.49
N LYS A 240 8.72 -3.78 19.43
CA LYS A 240 9.55 -2.94 20.26
C LYS A 240 10.69 -2.34 19.44
N GLU A 241 11.34 -3.16 18.63
CA GLU A 241 12.38 -2.69 17.76
C GLU A 241 11.82 -1.65 16.74
N HIS A 242 10.59 -1.87 16.28
CA HIS A 242 9.90 -0.92 15.39
C HIS A 242 9.76 0.45 16.05
N LEU A 243 9.34 0.46 17.28
CA LEU A 243 9.25 1.69 18.02
C LEU A 243 10.63 2.36 18.20
N ALA A 244 11.68 1.54 18.40
CA ALA A 244 12.98 2.10 18.60
C ALA A 244 13.47 2.71 17.31
N MET A 245 13.12 2.11 16.21
CA MET A 245 13.50 2.65 14.93
C MET A 245 12.77 3.97 14.69
N MET A 246 11.49 4.01 14.99
CA MET A 246 10.77 5.29 14.92
C MET A 246 11.47 6.35 15.73
N GLU A 247 11.88 6.02 16.95
CA GLU A 247 12.50 7.02 17.82
CA GLU A 247 12.50 7.01 17.83
C GLU A 247 13.78 7.59 17.19
N ARG A 248 14.57 6.72 16.59
CA ARG A 248 15.83 7.08 15.94
C ARG A 248 15.62 7.93 14.69
N ILE A 249 14.54 7.66 13.96
CA ILE A 249 14.23 8.37 12.70
C ILE A 249 13.46 9.65 12.93
N LEU A 250 12.51 9.62 13.86
CA LEU A 250 11.52 10.69 14.01
C LEU A 250 11.63 11.41 15.35
N GLY A 251 12.47 10.95 16.26
CA GLY A 251 12.47 11.53 17.62
C GLY A 251 11.58 10.78 18.59
N PRO A 252 11.57 11.21 19.87
CA PRO A 252 10.81 10.51 20.90
C PRO A 252 9.30 10.57 20.73
N LEU A 253 8.62 9.51 21.14
CA LEU A 253 7.19 9.46 21.07
C LEU A 253 6.61 10.40 22.07
N PRO A 254 5.46 11.00 21.74
CA PRO A 254 4.78 11.91 22.67
C PRO A 254 4.37 11.22 23.95
N LYS A 255 4.62 11.91 25.06
CA LYS A 255 4.14 11.49 26.37
C LYS A 255 2.67 11.09 26.41
N HIS A 256 1.79 11.86 25.77
CA HIS A 256 0.37 11.53 25.84
C HIS A 256 0.05 10.17 25.24
N MET A 257 0.81 9.73 24.24
CA MET A 257 0.56 8.41 23.65
C MET A 257 1.10 7.30 24.52
N ILE A 258 2.26 7.53 25.11
CA ILE A 258 2.84 6.58 26.08
C ILE A 258 1.92 6.35 27.29
N GLN A 259 1.36 7.43 27.79
CA GLN A 259 0.61 7.40 29.03
C GLN A 259 -0.78 6.83 28.80
N LYS A 260 -1.30 6.95 27.59
CA LYS A 260 -2.55 6.27 27.23
C LYS A 260 -2.36 4.77 27.07
N THR A 261 -1.23 4.32 26.51
CA THR A 261 -1.13 2.90 26.19
C THR A 261 -1.27 2.11 27.53
N ARG A 262 -2.48 1.58 27.76
CA ARG A 262 -2.81 0.85 29.00
C ARG A 262 -2.07 -0.47 28.94
N LYS A 263 -1.84 -0.93 27.70
CA LYS A 263 -0.79 -1.88 27.39
C LYS A 263 0.61 -1.21 27.31
N ARG A 264 1.04 -0.54 28.40
CA ARG A 264 2.38 0.07 28.50
C ARG A 264 3.43 -1.01 28.79
N LYS A 265 3.38 -2.05 27.94
CA LYS A 265 4.23 -3.24 28.04
C LYS A 265 5.58 -2.97 27.39
N TYR A 266 5.66 -1.85 26.63
CA TYR A 266 6.89 -1.43 25.93
C TYR A 266 7.71 -0.30 26.63
N PHE A 267 7.21 0.32 27.71
CA PHE A 267 7.92 1.50 28.31
C PHE A 267 8.46 1.25 29.72
N ARG A 271 10.21 7.58 27.55
CA ARG A 271 11.35 6.66 27.35
C ARG A 271 10.96 5.18 27.05
N LEU A 272 11.17 4.75 25.79
CA LEU A 272 11.09 3.31 25.45
C LEU A 272 12.05 2.50 26.32
N ASP A 273 11.64 1.31 26.70
CA ASP A 273 12.48 0.43 27.48
C ASP A 273 13.31 -0.35 26.52
N TRP A 274 14.46 0.21 26.26
CA TRP A 274 15.27 -0.24 25.12
C TRP A 274 16.72 -0.04 25.40
N ASP A 275 17.49 -1.12 25.26
CA ASP A 275 18.91 -1.05 25.43
C ASP A 275 19.60 -0.78 24.09
N GLU A 276 20.11 0.44 23.99
CA GLU A 276 20.80 0.95 22.83
C GLU A 276 22.11 0.19 22.54
N HIS A 277 22.65 -0.40 23.60
CA HIS A 277 23.96 -1.05 23.58
C HIS A 277 23.91 -2.55 23.27
N SER A 278 22.70 -3.11 23.19
CA SER A 278 22.49 -4.54 22.90
C SER A 278 22.70 -4.78 21.40
N SER A 279 22.68 -6.05 20.99
CA SER A 279 22.75 -6.39 19.59
C SER A 279 21.67 -5.66 18.75
N ALA A 280 20.44 -5.77 19.20
CA ALA A 280 19.33 -5.10 18.55
C ALA A 280 19.54 -3.59 18.57
N GLY A 281 20.03 -3.06 19.69
CA GLY A 281 20.29 -1.63 19.80
C GLY A 281 21.33 -1.12 18.84
N ARG A 282 22.43 -1.84 18.69
CA ARG A 282 23.47 -1.51 17.76
C ARG A 282 22.97 -1.55 16.33
N TYR A 283 22.14 -2.54 16.03
CA TYR A 283 21.53 -2.70 14.71
C TYR A 283 20.63 -1.52 14.36
N VAL A 284 19.76 -1.13 15.29
CA VAL A 284 18.90 0.02 15.07
C VAL A 284 19.72 1.32 14.86
N SER A 285 20.76 1.55 15.66
CA SER A 285 21.62 2.74 15.45
C SER A 285 22.33 2.76 14.13
N ARG A 286 22.71 1.60 13.63
CA ARG A 286 23.39 1.54 12.35
C ARG A 286 22.39 1.76 11.22
N ALA A 287 21.25 1.07 11.27
CA ALA A 287 20.33 1.00 10.16
C ALA A 287 19.49 2.28 10.04
N CYS A 288 19.30 2.97 11.15
CA CYS A 288 18.33 4.04 11.23
C CYS A 288 19.06 5.33 11.59
N LYS A 289 18.56 6.46 11.09
CA LYS A 289 19.14 7.77 11.41
C LYS A 289 18.03 8.80 11.16
N PRO A 290 18.24 10.03 11.60
CA PRO A 290 17.14 10.98 11.39
C PRO A 290 16.66 11.01 9.93
N LEU A 291 15.36 11.15 9.77
CA LEU A 291 14.67 11.04 8.47
C LEU A 291 15.39 11.79 7.35
N LYS A 292 15.68 13.04 7.58
CA LYS A 292 16.25 13.88 6.53
C LYS A 292 17.64 13.44 6.04
N GLU A 293 18.35 12.65 6.84
CA GLU A 293 19.64 12.11 6.42
C GLU A 293 19.51 11.04 5.34
N PHE A 294 18.29 10.54 5.07
CA PHE A 294 18.11 9.61 3.98
C PHE A 294 17.95 10.28 2.61
N MET A 295 17.77 11.59 2.61
CA MET A 295 17.70 12.33 1.35
C MET A 295 18.95 12.15 0.48
N LEU A 296 18.71 11.93 -0.80
CA LEU A 296 19.76 11.63 -1.76
C LEU A 296 20.27 12.87 -2.51
N SER A 297 19.59 13.99 -2.30
CA SER A 297 19.91 15.25 -2.92
C SER A 297 19.36 16.31 -1.97
N GLN A 298 20.03 17.47 -1.94
CA GLN A 298 19.54 18.62 -1.20
C GLN A 298 18.68 19.55 -2.06
N ASP A 299 18.47 19.16 -3.33
CA ASP A 299 17.62 19.93 -4.26
CA ASP A 299 17.65 19.95 -4.24
C ASP A 299 16.25 20.14 -3.61
N VAL A 300 15.65 21.30 -3.89
CA VAL A 300 14.41 21.66 -3.21
C VAL A 300 13.24 20.71 -3.45
N GLU A 301 13.17 20.03 -4.58
CA GLU A 301 12.08 19.07 -4.76
C GLU A 301 12.21 17.87 -3.85
N HIS A 302 13.44 17.52 -3.51
CA HIS A 302 13.68 16.44 -2.51
C HIS A 302 13.28 16.91 -1.14
N GLU A 303 13.64 18.16 -0.80
CA GLU A 303 13.21 18.74 0.46
C GLU A 303 11.71 18.78 0.59
N ARG A 304 11.02 19.13 -0.50
CA ARG A 304 9.59 19.20 -0.45
C ARG A 304 9.00 17.79 -0.21
N LEU A 305 9.52 16.79 -0.89
CA LEU A 305 9.06 15.41 -0.65
C LEU A 305 9.27 15.03 0.81
N PHE A 306 10.45 15.34 1.32
CA PHE A 306 10.72 14.93 2.70
C PHE A 306 9.90 15.66 3.74
N ASP A 307 9.55 16.92 3.46
CA ASP A 307 8.65 17.66 4.33
C ASP A 307 7.26 17.01 4.41
N LEU A 308 6.76 16.58 3.27
CA LEU A 308 5.46 15.89 3.21
C LEU A 308 5.56 14.55 3.99
N ILE A 309 6.63 13.82 3.77
CA ILE A 309 6.80 12.51 4.45
C ILE A 309 6.86 12.73 5.96
N GLN A 310 7.61 13.74 6.40
CA GLN A 310 7.66 14.05 7.84
C GLN A 310 6.33 14.34 8.45
N LYS A 311 5.46 15.08 7.72
CA LYS A 311 4.12 15.37 8.17
C LYS A 311 3.23 14.15 8.17
N MET A 312 3.43 13.24 7.22
CA MET A 312 2.67 12.00 7.21
C MET A 312 3.11 11.05 8.34
N LEU A 313 4.34 11.19 8.77
CA LEU A 313 4.90 10.39 9.87
C LEU A 313 4.88 11.12 11.22
N GLU A 314 3.93 12.03 11.34
CA GLU A 314 3.64 12.70 12.62
C GLU A 314 3.10 11.65 13.61
N TYR A 315 3.68 11.57 14.81
CA TYR A 315 3.21 10.54 15.73
C TYR A 315 1.71 10.67 16.13
N ASP A 316 1.31 11.89 16.51
CA ASP A 316 -0.03 12.16 16.98
C ASP A 316 -1.01 12.04 15.79
N PRO A 317 -1.91 11.05 15.82
CA PRO A 317 -2.80 10.91 14.67
C PRO A 317 -3.78 12.03 14.46
N ALA A 318 -4.01 12.86 15.49
CA ALA A 318 -4.84 14.05 15.31
C ALA A 318 -4.08 15.15 14.57
N LYS A 319 -2.86 15.41 14.98
CA LYS A 319 -2.02 16.43 14.37
CA LYS A 319 -2.01 16.41 14.37
C LYS A 319 -1.59 16.05 12.93
N ARG A 320 -1.46 14.75 12.69
CA ARG A 320 -1.03 14.24 11.41
C ARG A 320 -1.79 14.86 10.27
N ILE A 321 -1.04 15.24 9.23
CA ILE A 321 -1.62 15.81 8.02
C ILE A 321 -2.72 14.88 7.51
N THR A 322 -3.84 15.43 7.04
CA THR A 322 -4.85 14.64 6.32
C THR A 322 -4.47 14.54 4.85
N LEU A 323 -5.09 13.61 4.14
CA LEU A 323 -4.87 13.52 2.74
C LEU A 323 -5.37 14.73 1.95
N ARG A 324 -6.47 15.33 2.41
CA ARG A 324 -7.02 16.52 1.76
CA ARG A 324 -7.02 16.53 1.79
C ARG A 324 -5.96 17.62 1.85
N GLU A 325 -5.32 17.75 3.00
CA GLU A 325 -4.20 18.72 3.18
C GLU A 325 -2.96 18.35 2.37
N ALA A 326 -2.63 17.04 2.34
CA ALA A 326 -1.48 16.56 1.60
C ALA A 326 -1.54 16.96 0.12
N LEU A 327 -2.74 16.92 -0.47
CA LEU A 327 -2.93 17.25 -1.88
C LEU A 327 -2.54 18.69 -2.23
N LYS A 328 -2.53 19.54 -1.20
CA LYS A 328 -2.13 20.95 -1.35
C LYS A 328 -0.71 21.23 -1.01
N HIS A 329 0.04 20.20 -0.63
CA HIS A 329 1.40 20.40 -0.20
C HIS A 329 2.31 20.90 -1.36
N PRO A 330 3.36 21.71 -1.07
CA PRO A 330 4.28 22.18 -2.13
C PRO A 330 4.93 21.15 -3.04
N PHE A 331 5.11 19.94 -2.56
CA PHE A 331 5.66 18.87 -3.37
C PHE A 331 4.90 18.66 -4.67
N PHE A 332 3.61 18.94 -4.65
CA PHE A 332 2.74 18.69 -5.79
C PHE A 332 2.65 19.90 -6.70
N ASP A 333 3.34 21.00 -6.37
CA ASP A 333 3.29 22.18 -7.26
C ASP A 333 3.72 21.90 -8.70
N LEU A 334 4.79 21.12 -8.91
CA LEU A 334 5.20 20.78 -10.28
C LEU A 334 4.07 20.19 -11.12
N LEU A 335 3.11 19.50 -10.48
CA LEU A 335 1.98 18.93 -11.19
C LEU A 335 0.96 19.92 -11.65
N LYS A 336 0.98 21.09 -11.03
CA LYS A 336 -0.04 22.07 -11.19
C LYS A 336 0.53 23.26 -12.00
N LYS A 337 1.86 23.37 -12.14
CA LYS A 337 2.50 24.43 -12.94
C LYS A 337 2.18 24.22 -14.43
N SER A 338 0.99 24.70 -14.84
CA SER A 338 0.48 24.55 -16.24
C SER A 338 1.43 25.07 -17.30
C4 H3E B . -6.04 -6.94 -8.41
C5 H3E B . -7.07 -6.35 -9.15
C6 H3E B . -6.86 -6.11 -10.51
N1 H3E B . -6.99 -7.30 -4.87
C7 H3E B . -5.66 -6.49 -11.07
C8 H3E B . -4.69 -7.07 -10.25
N2 H3E B . -0.03 -8.08 -10.22
C9 H3E B . -3.52 -7.27 -11.05
C10 H3E B . -3.90 -6.85 -12.28
C11 H3E B . -2.25 -7.80 -10.57
C12 H3E B . -0.94 -7.54 -11.01
N3 H3E B . -0.76 -8.72 -9.27
C13 H3E B . -0.09 -9.50 -8.23
C14 H3E B . -0.59 -9.17 -6.83
C15 H3E B . -0.81 -7.86 -6.43
N4 H3E B . -4.86 -7.30 -8.95
C H3E B . -4.99 -7.96 -3.66
N H3E B . -5.68 -7.63 -4.90
C3 H3E B . -7.28 -7.03 -6.13
C2 H3E B . -6.17 -7.19 -6.97
C1 H3E B . -5.16 -7.58 -6.13
O H3E B . -5.19 -6.38 -12.35
C20 H3E B . -2.08 -8.57 -9.44
C19 H3E B . -0.76 -10.18 -5.89
C18 H3E B . -1.07 -9.88 -4.58
C17 H3E B . -1.26 -8.57 -4.19
C16 H3E B . -1.16 -7.57 -5.13
C1 EDO C . -17.48 -25.89 -10.32
O1 EDO C . -18.32 -26.97 -9.89
C2 EDO C . -17.97 -24.60 -9.72
O2 EDO C . -17.76 -24.67 -8.30
C1 EDO D . -8.94 6.31 -14.10
O1 EDO D . -9.16 5.51 -12.96
C2 EDO D . -8.89 7.77 -13.72
O2 EDO D . -9.72 8.51 -14.61
C1 EDO E . -19.90 -8.83 -16.82
O1 EDO E . -18.64 -8.31 -16.42
C2 EDO E . -20.52 -9.71 -15.75
O2 EDO E . -21.54 -10.52 -16.38
C1 EDO F . -2.96 -4.49 -18.65
O1 EDO F . -1.61 -4.45 -19.08
C2 EDO F . -3.47 -3.07 -18.54
O2 EDO F . -4.06 -2.70 -19.79
C1 EDO G . -0.80 -7.49 -15.11
O1 EDO G . -1.03 -6.79 -16.34
C2 EDO G . 0.68 -7.54 -14.79
O2 EDO G . 1.43 -7.79 -15.99
C1 EDO H . 11.73 1.65 -10.35
O1 EDO H . 12.35 0.39 -10.21
C2 EDO H . 12.63 2.50 -11.23
O2 EDO H . 12.37 2.26 -12.61
C1 EDO I . 14.61 8.40 -5.52
O1 EDO I . 15.99 8.12 -5.41
C2 EDO I . 14.37 9.62 -6.33
O2 EDO I . 14.51 9.21 -7.67
C1 EDO J . 16.67 7.96 -9.52
O1 EDO J . 16.62 7.71 -8.11
C2 EDO J . 15.96 6.85 -10.28
O2 EDO J . 16.44 5.55 -9.84
C1 EDO K . 12.11 16.23 -10.39
O1 EDO K . 11.90 16.96 -9.19
C2 EDO K . 10.74 16.11 -11.01
O2 EDO K . 10.71 16.11 -12.43
C1 EDO L . 22.96 14.80 -0.44
O1 EDO L . 21.85 14.70 0.47
C2 EDO L . 23.72 13.48 -0.46
O2 EDO L . 22.80 12.38 -0.52
C1 EDO M . 16.42 -5.09 22.69
O1 EDO M . 15.43 -5.77 23.45
C2 EDO M . 17.04 -3.96 23.49
O2 EDO M . 16.29 -3.68 24.69
C1 EDO N . -17.67 -16.11 3.59
O1 EDO N . -17.64 -17.32 2.85
C2 EDO N . -17.26 -16.33 5.03
O2 EDO N . -17.73 -15.26 5.86
#